data_3RE0
#
_entry.id   3RE0
#
_cell.length_a   157.412
_cell.length_b   34.805
_cell.length_c   115.225
_cell.angle_alpha   90.00
_cell.angle_beta   112.28
_cell.angle_gamma   90.00
#
_symmetry.space_group_name_H-M   'C 1 2 1'
#
loop_
_entity.id
_entity.type
_entity.pdbx_description
1 polymer 'Superoxide dismutase [Cu-Zn]'
2 non-polymer Cisplatin
3 water water
#
_entity_poly.entity_id   1
_entity_poly.type   'polypeptide(L)'
_entity_poly.pdbx_seq_one_letter_code
;ATKAVCVLKGDGPVQGIINFEQKESNGPVKVWGSIKGLTEGLHGFHVHEFGDNTAGCTSAGPHFNPLSRKHGGPKDEERH
VGDLGNVTADKDGVADVSIEDSVISLSGDHCIIGRTLVVHEKADDLGKGGNEESTKTGNAGSRLACGVIGIAQ
;
_entity_poly.pdbx_strand_id   A,B,C,D
#
loop_
_chem_comp.id
_chem_comp.type
_chem_comp.name
_chem_comp.formula
CPT non-polymer Cisplatin 'Cl2 H6 N2 Pt'
#
# COMPACT_ATOMS: atom_id res chain seq x y z
N ALA A 1 -11.01 -6.64 13.73
CA ALA A 1 -11.45 -5.27 14.16
C ALA A 1 -10.29 -4.31 14.57
N THR A 2 -9.52 -3.89 13.57
CA THR A 2 -8.36 -2.98 13.74
C THR A 2 -8.70 -1.64 14.43
N LYS A 3 -7.80 -1.25 15.34
CA LYS A 3 -7.99 -0.11 16.23
C LYS A 3 -6.80 0.82 16.14
N ALA A 4 -7.04 2.10 16.34
CA ALA A 4 -5.94 3.05 16.44
C ALA A 4 -6.18 3.99 17.61
N VAL A 5 -5.18 4.82 17.92
CA VAL A 5 -5.21 5.66 19.09
C VAL A 5 -4.29 6.87 18.86
N CYS A 6 -4.59 8.01 19.47
CA CYS A 6 -3.83 9.22 19.27
C CYS A 6 -3.73 9.89 20.60
N VAL A 7 -2.52 10.30 20.97
CA VAL A 7 -2.32 11.13 22.17
C VAL A 7 -1.99 12.54 21.73
N LEU A 8 -2.80 13.52 22.15
CA LEU A 8 -2.59 14.90 21.77
C LEU A 8 -1.83 15.69 22.80
N LYS A 9 -0.91 16.55 22.31
CA LYS A 9 -0.04 17.28 23.15
C LYS A 9 0.37 18.47 22.30
N GLY A 10 0.66 19.60 22.95
CA GLY A 10 1.24 20.78 22.27
C GLY A 10 1.94 21.72 23.28
N ASP A 11 2.39 22.88 22.79
CA ASP A 11 3.14 23.85 23.58
C ASP A 11 2.35 24.43 24.76
N GLY A 12 1.01 24.42 24.64
CA GLY A 12 0.11 24.94 25.66
C GLY A 12 -0.30 23.81 26.57
N PRO A 13 -1.52 23.89 27.14
CA PRO A 13 -2.08 22.96 28.16
C PRO A 13 -3.16 21.98 27.68
N VAL A 14 -3.49 22.03 26.39
CA VAL A 14 -4.47 21.09 25.84
C VAL A 14 -3.85 19.68 25.79
N GLN A 15 -4.63 18.66 26.16
CA GLN A 15 -4.24 17.26 26.16
C GLN A 15 -5.44 16.35 25.99
N GLY A 16 -5.22 15.21 25.35
CA GLY A 16 -6.25 14.19 25.42
C GLY A 16 -5.88 12.95 24.68
N ILE A 17 -6.81 12.02 24.68
CA ILE A 17 -6.61 10.73 24.10
C ILE A 17 -7.76 10.42 23.20
N ILE A 18 -7.48 10.05 21.95
CA ILE A 18 -8.54 9.75 21.00
C ILE A 18 -8.34 8.37 20.48
N ASN A 19 -9.44 7.64 20.35
CA ASN A 19 -9.44 6.28 19.86
C ASN A 19 -10.24 6.20 18.60
N PHE A 20 -9.84 5.27 17.74
CA PHE A 20 -10.54 4.99 16.53
C PHE A 20 -10.76 3.50 16.46
N GLU A 21 -11.87 3.08 15.87
CA GLU A 21 -12.10 1.68 15.70
C GLU A 21 -12.94 1.51 14.48
N GLN A 22 -12.54 0.56 13.65
CA GLN A 22 -13.22 0.27 12.43
C GLN A 22 -13.39 -1.24 12.43
N LYS A 23 -14.53 -1.67 12.98
CA LYS A 23 -14.83 -3.06 13.22
C LYS A 23 -14.97 -3.91 11.93
N GLU A 24 -15.36 -3.29 10.83
CA GLU A 24 -15.42 -3.99 9.54
C GLU A 24 -14.76 -3.14 8.47
N SER A 25 -13.97 -3.77 7.60
CA SER A 25 -12.98 -3.07 6.74
C SER A 25 -13.48 -1.98 5.79
N ASN A 26 -14.74 -2.07 5.35
CA ASN A 26 -15.35 -1.05 4.49
C ASN A 26 -15.89 0.16 5.27
N GLY A 27 -16.78 -0.14 6.23
CA GLY A 27 -17.66 0.82 6.88
C GLY A 27 -17.07 1.76 7.93
N PRO A 28 -17.94 2.31 8.80
CA PRO A 28 -17.60 3.51 9.56
C PRO A 28 -16.43 3.33 10.55
N VAL A 29 -15.84 4.47 10.96
CA VAL A 29 -14.84 4.51 12.02
C VAL A 29 -15.49 5.20 13.18
N LYS A 30 -15.51 4.51 14.35
CA LYS A 30 -15.91 5.10 15.61
C LYS A 30 -14.72 5.88 16.10
N VAL A 31 -14.99 7.05 16.63
CA VAL A 31 -13.93 7.79 17.25
C VAL A 31 -14.40 8.44 18.53
N TRP A 32 -13.73 8.08 19.62
CA TRP A 32 -14.13 8.56 20.92
C TRP A 32 -12.94 8.78 21.76
N GLY A 33 -13.09 9.67 22.71
CA GLY A 33 -12.08 9.99 23.69
C GLY A 33 -12.58 11.21 24.41
N SER A 34 -11.65 12.05 24.84
CA SER A 34 -11.88 13.20 25.66
C SER A 34 -10.70 14.13 25.41
N ILE A 35 -10.88 15.44 25.54
CA ILE A 35 -9.80 16.43 25.40
C ILE A 35 -10.10 17.49 26.47
N LYS A 36 -9.08 17.91 27.26
CA LYS A 36 -9.14 19.01 28.26
C LYS A 36 -8.20 20.19 27.92
N GLY A 37 -8.28 21.30 28.62
CA GLY A 37 -7.42 22.33 28.20
C GLY A 37 -7.90 23.36 27.22
N LEU A 38 -9.16 23.21 26.95
CA LEU A 38 -9.89 24.05 26.06
C LEU A 38 -10.83 25.04 26.78
N THR A 39 -10.96 26.15 26.16
CA THR A 39 -11.91 27.19 26.09
C THR A 39 -13.29 26.69 25.79
N GLU A 40 -14.39 27.18 26.28
CA GLU A 40 -15.70 26.62 26.03
C GLU A 40 -15.94 26.91 24.50
N GLY A 41 -16.66 25.96 24.03
CA GLY A 41 -17.22 25.99 22.71
C GLY A 41 -16.57 25.10 21.74
N LEU A 42 -16.57 25.48 20.59
CA LEU A 42 -16.33 24.62 19.44
C LEU A 42 -14.87 24.69 19.03
N HIS A 43 -14.24 23.54 18.77
CA HIS A 43 -12.90 23.58 18.12
C HIS A 43 -12.72 22.71 16.92
N GLY A 44 -12.09 23.29 15.88
CA GLY A 44 -11.74 22.51 14.71
C GLY A 44 -10.93 21.26 15.07
N PHE A 45 -11.24 20.13 14.42
CA PHE A 45 -10.77 18.81 14.75
C PHE A 45 -10.46 18.04 13.48
N HIS A 46 -9.16 17.92 13.08
CA HIS A 46 -8.80 17.56 11.72
C HIS A 46 -7.66 16.55 11.71
N VAL A 47 -7.66 15.72 10.65
CA VAL A 47 -6.53 14.95 10.26
C VAL A 47 -5.69 15.72 9.21
N HIS A 48 -4.42 15.90 9.53
CA HIS A 48 -3.48 16.54 8.64
C HIS A 48 -2.61 15.52 8.05
N GLU A 49 -1.85 15.89 7.03
CA GLU A 49 -1.28 14.94 6.13
C GLU A 49 -0.10 14.13 6.69
N PHE A 50 0.89 14.82 7.29
CA PHE A 50 2.09 14.16 7.72
C PHE A 50 2.14 13.82 9.20
N GLY A 51 2.66 12.63 9.52
CA GLY A 51 2.90 12.25 10.90
C GLY A 51 4.21 12.80 11.36
N ASP A 52 4.41 14.09 11.13
CA ASP A 52 5.72 14.71 11.30
C ASP A 52 5.66 15.75 12.41
N ASN A 53 6.28 15.45 13.55
CA ASN A 53 6.21 16.34 14.68
C ASN A 53 7.53 17.03 14.98
N THR A 54 8.35 17.26 13.95
CA THR A 54 9.74 17.71 14.17
C THR A 54 9.82 19.20 14.48
N ALA A 55 8.81 19.97 14.07
CA ALA A 55 8.68 21.36 14.49
C ALA A 55 7.39 21.60 15.24
N GLY A 56 7.00 20.68 16.12
CA GLY A 56 5.65 20.73 16.70
C GLY A 56 4.55 20.51 15.65
N CYS A 57 3.32 20.91 15.99
CA CYS A 57 2.18 20.68 15.13
C CYS A 57 2.28 21.30 13.75
N THR A 58 3.11 22.33 13.59
CA THR A 58 3.32 22.92 12.28
C THR A 58 3.80 21.90 11.25
N SER A 59 4.59 20.89 11.64
CA SER A 59 5.19 19.99 10.66
C SER A 59 4.24 18.92 10.16
N ALA A 60 3.07 18.79 10.79
CA ALA A 60 1.99 17.96 10.25
C ALA A 60 1.47 18.42 8.91
N GLY A 61 1.82 19.62 8.50
CA GLY A 61 1.44 20.13 7.18
C GLY A 61 -0.05 20.37 7.05
N PRO A 62 -0.57 20.24 5.82
CA PRO A 62 -1.95 20.65 5.58
C PRO A 62 -2.98 19.56 5.88
N HIS A 63 -4.23 19.90 5.69
CA HIS A 63 -5.30 18.92 5.86
C HIS A 63 -5.05 17.70 4.99
N PHE A 64 -5.43 16.55 5.45
CA PHE A 64 -5.30 15.38 4.61
C PHE A 64 -6.43 15.42 3.56
N ASN A 65 -6.01 15.54 2.30
CA ASN A 65 -6.95 15.91 1.26
C ASN A 65 -6.54 15.19 0.00
N PRO A 66 -6.44 13.83 0.07
CA PRO A 66 -5.90 13.06 -1.05
C PRO A 66 -6.68 13.25 -2.37
N LEU A 67 -7.98 13.60 -2.28
CA LEU A 67 -8.83 13.84 -3.48
C LEU A 67 -8.98 15.30 -3.92
N SER A 68 -8.19 16.22 -3.34
CA SER A 68 -8.28 17.65 -3.71
C SER A 68 -9.67 18.27 -3.67
N ARG A 69 -10.42 18.07 -2.62
CA ARG A 69 -11.71 18.72 -2.50
C ARG A 69 -11.57 20.03 -1.77
N LYS A 70 -12.66 20.76 -1.71
CA LYS A 70 -12.70 21.97 -0.92
C LYS A 70 -13.03 21.60 0.53
N HIS A 71 -12.55 22.42 1.48
CA HIS A 71 -12.86 22.24 2.90
C HIS A 71 -14.35 22.32 3.12
N GLY A 72 -14.88 21.40 3.92
CA GLY A 72 -16.29 21.38 4.29
C GLY A 72 -16.46 20.67 5.63
N GLY A 73 -17.71 20.41 6.00
CA GLY A 73 -18.01 19.78 7.28
C GLY A 73 -18.13 18.29 7.11
N PRO A 74 -18.10 17.53 8.22
CA PRO A 74 -17.97 16.10 7.97
C PRO A 74 -19.20 15.55 7.27
N LYS A 75 -20.30 16.29 7.29
CA LYS A 75 -21.54 15.78 6.72
C LYS A 75 -21.66 16.04 5.21
N ASP A 76 -20.86 16.97 4.70
CA ASP A 76 -20.85 17.28 3.28
C ASP A 76 -20.21 16.23 2.40
N GLU A 77 -20.73 16.12 1.17
CA GLU A 77 -20.03 15.45 0.05
C GLU A 77 -18.73 16.16 -0.29
N GLU A 78 -18.74 17.46 -0.17
CA GLU A 78 -17.58 18.23 -0.58
C GLU A 78 -16.83 18.53 0.74
N ARG A 79 -15.70 17.83 0.90
CA ARG A 79 -14.97 17.80 2.18
C ARG A 79 -13.61 17.18 1.98
N HIS A 80 -12.61 17.62 2.74
CA HIS A 80 -11.35 16.88 2.84
C HIS A 80 -11.63 15.57 3.54
N VAL A 81 -10.82 14.55 3.23
CA VAL A 81 -10.83 13.30 4.04
C VAL A 81 -10.66 13.63 5.52
N GLY A 82 -9.74 14.54 5.80
CA GLY A 82 -9.41 14.91 7.17
C GLY A 82 -10.41 15.76 7.94
N ASP A 83 -11.42 16.30 7.26
CA ASP A 83 -12.45 17.19 7.84
C ASP A 83 -13.41 16.51 8.89
N LEU A 84 -13.04 16.42 10.17
CA LEU A 84 -13.93 15.81 11.16
C LEU A 84 -14.83 16.80 11.91
N GLY A 85 -14.83 18.04 11.46
CA GLY A 85 -15.72 19.01 12.05
C GLY A 85 -15.14 19.70 13.25
N ASN A 86 -15.93 19.69 14.33
CA ASN A 86 -15.69 20.45 15.55
C ASN A 86 -16.01 19.55 16.70
N VAL A 87 -15.23 19.69 17.76
CA VAL A 87 -15.62 19.05 19.01
C VAL A 87 -16.01 20.20 19.94
N THR A 88 -16.67 19.89 21.05
CA THR A 88 -17.27 20.91 21.89
C THR A 88 -16.82 20.88 23.39
N ALA A 89 -16.10 21.92 23.80
CA ALA A 89 -15.67 22.16 25.19
C ALA A 89 -16.80 22.75 26.05
N ASP A 90 -17.12 22.10 27.18
CA ASP A 90 -18.01 22.67 28.23
C ASP A 90 -17.31 23.82 28.96
N LYS A 91 -17.91 24.29 30.06
CA LYS A 91 -17.40 25.50 30.77
C LYS A 91 -16.06 25.27 31.51
N ASP A 92 -15.82 24.03 31.91
CA ASP A 92 -14.56 23.60 32.52
C ASP A 92 -13.40 23.35 31.53
N GLY A 93 -13.70 23.34 30.22
CA GLY A 93 -12.68 23.20 29.16
C GLY A 93 -12.48 21.77 28.62
N VAL A 94 -13.47 20.91 28.82
CA VAL A 94 -13.53 19.52 28.50
C VAL A 94 -14.41 19.16 27.33
N ALA A 95 -13.89 18.45 26.34
CA ALA A 95 -14.65 17.97 25.19
C ALA A 95 -14.89 16.51 25.20
N ASP A 96 -16.11 16.03 25.28
CA ASP A 96 -16.35 14.62 25.07
C ASP A 96 -16.66 14.39 23.63
N VAL A 97 -16.11 13.33 23.11
CA VAL A 97 -15.96 13.19 21.67
C VAL A 97 -16.49 11.85 21.34
N SER A 98 -17.54 11.85 20.51
CA SER A 98 -18.13 10.59 20.09
C SER A 98 -18.61 10.62 18.64
N ILE A 99 -17.76 11.11 17.75
CA ILE A 99 -17.95 11.06 16.32
C ILE A 99 -18.11 9.62 15.87
N GLU A 100 -18.76 9.47 14.71
CA GLU A 100 -18.63 8.29 13.86
C GLU A 100 -18.52 8.78 12.39
N ASP A 101 -17.66 8.19 11.57
CA ASP A 101 -17.29 8.80 10.29
C ASP A 101 -17.02 7.76 9.25
N SER A 102 -17.42 8.03 8.02
CA SER A 102 -17.30 7.03 6.96
C SER A 102 -16.43 7.46 5.77
N VAL A 103 -15.74 8.59 5.88
CA VAL A 103 -14.78 8.96 4.84
C VAL A 103 -13.34 8.56 5.21
N ILE A 104 -12.96 8.82 6.44
CA ILE A 104 -11.67 8.35 6.90
C ILE A 104 -11.71 6.85 7.01
N SER A 105 -10.51 6.28 6.97
CA SER A 105 -10.30 4.86 7.02
C SER A 105 -9.03 4.53 7.76
N LEU A 106 -9.00 3.33 8.38
CA LEU A 106 -7.73 2.75 8.88
C LEU A 106 -7.03 1.77 7.88
N SER A 107 -7.52 1.72 6.63
CA SER A 107 -6.87 1.01 5.49
C SER A 107 -7.07 1.75 4.18
N GLY A 108 -6.23 1.44 3.19
CA GLY A 108 -6.43 1.96 1.82
C GLY A 108 -6.01 3.40 1.61
N ASP A 109 -6.50 4.01 0.52
CA ASP A 109 -6.08 5.36 0.07
C ASP A 109 -6.36 6.46 1.10
N HIS A 110 -7.41 6.26 1.89
CA HIS A 110 -7.88 7.15 2.96
C HIS A 110 -7.37 6.81 4.34
N CYS A 111 -6.41 5.87 4.43
CA CYS A 111 -5.76 5.47 5.68
C CYS A 111 -5.14 6.66 6.42
N ILE A 112 -5.52 6.82 7.68
CA ILE A 112 -4.96 7.90 8.53
C ILE A 112 -3.95 7.35 9.57
N ILE A 113 -3.59 6.07 9.51
CA ILE A 113 -2.62 5.55 10.47
C ILE A 113 -1.29 6.25 10.10
N GLY A 114 -0.61 6.86 11.07
CA GLY A 114 0.69 7.47 10.86
C GLY A 114 0.62 8.85 10.31
N ARG A 115 -0.57 9.38 10.28
CA ARG A 115 -0.78 10.79 10.04
C ARG A 115 -1.12 11.46 11.39
N THR A 116 -1.47 12.75 11.36
CA THR A 116 -1.59 13.59 12.57
C THR A 116 -3.00 14.13 12.81
N LEU A 117 -3.49 13.97 14.03
CA LEU A 117 -4.78 14.48 14.41
C LEU A 117 -4.51 15.78 15.13
N VAL A 118 -5.26 16.80 14.77
CA VAL A 118 -5.05 18.09 15.37
C VAL A 118 -6.33 18.71 15.90
N VAL A 119 -6.23 19.31 17.09
CA VAL A 119 -7.34 20.08 17.63
C VAL A 119 -6.93 21.51 17.56
N HIS A 120 -7.82 22.34 17.01
CA HIS A 120 -7.56 23.76 16.72
C HIS A 120 -8.06 24.80 17.69
N GLU A 121 -7.37 25.96 17.70
CA GLU A 121 -7.77 27.20 18.44
C GLU A 121 -9.25 27.62 18.36
N LYS A 122 -9.70 27.86 17.12
CA LYS A 122 -11.04 28.36 16.81
C LYS A 122 -11.95 27.30 16.16
N ALA A 123 -13.28 27.46 16.35
CA ALA A 123 -14.32 26.77 15.55
C ALA A 123 -13.98 26.59 14.10
N ASP A 124 -14.31 25.42 13.59
CA ASP A 124 -14.26 25.24 12.15
C ASP A 124 -15.63 25.77 11.60
N ASP A 125 -15.59 26.61 10.58
CA ASP A 125 -16.85 27.17 10.07
C ASP A 125 -17.45 26.30 8.96
N LEU A 126 -16.83 25.15 8.72
CA LEU A 126 -17.35 24.16 7.78
C LEU A 126 -17.40 24.62 6.31
N GLY A 127 -16.51 25.55 5.92
CA GLY A 127 -16.55 26.13 4.54
C GLY A 127 -17.65 27.17 4.22
N LYS A 128 -18.43 27.56 5.22
CA LYS A 128 -19.53 28.51 5.07
C LYS A 128 -19.24 29.83 5.71
N GLY A 129 -17.99 30.29 5.62
CA GLY A 129 -17.57 31.48 6.36
C GLY A 129 -17.32 32.67 5.43
N GLY A 130 -17.42 32.42 4.13
CA GLY A 130 -17.52 33.50 3.16
C GLY A 130 -16.25 34.24 2.83
N ASN A 131 -15.10 33.58 3.04
CA ASN A 131 -13.81 34.11 2.55
C ASN A 131 -13.00 33.02 1.87
N GLU A 132 -11.81 33.35 1.37
CA GLU A 132 -11.09 32.34 0.59
C GLU A 132 -10.61 31.22 1.50
N GLU A 133 -10.19 31.62 2.71
CA GLU A 133 -9.67 30.71 3.77
C GLU A 133 -10.70 29.71 4.33
N SER A 134 -11.98 30.07 4.36
CA SER A 134 -13.03 29.15 4.86
C SER A 134 -13.04 27.85 4.08
N THR A 135 -12.64 27.96 2.84
CA THR A 135 -12.74 26.91 1.89
C THR A 135 -11.40 26.11 1.72
N LYS A 136 -10.31 26.57 2.38
CA LYS A 136 -9.02 25.87 2.47
C LYS A 136 -8.89 25.23 3.83
N THR A 137 -9.20 25.96 4.90
CA THR A 137 -8.96 25.48 6.25
C THR A 137 -10.06 25.67 7.28
N GLY A 138 -11.17 26.32 6.93
CA GLY A 138 -12.30 26.52 7.87
C GLY A 138 -12.10 27.65 8.89
N ASN A 139 -11.05 28.47 8.71
CA ASN A 139 -10.60 29.45 9.75
C ASN A 139 -10.48 28.94 11.24
N ALA A 140 -10.01 27.72 11.44
CA ALA A 140 -10.00 27.16 12.82
C ALA A 140 -8.79 27.65 13.62
N GLY A 141 -7.90 28.35 12.91
CA GLY A 141 -6.76 29.02 13.51
C GLY A 141 -5.66 28.07 13.95
N SER A 142 -5.10 28.35 15.11
CA SER A 142 -3.90 27.68 15.60
C SER A 142 -4.08 26.23 15.88
N ARG A 143 -2.96 25.54 15.76
CA ARG A 143 -2.88 24.15 16.17
C ARG A 143 -2.60 24.08 17.65
N LEU A 144 -3.58 23.70 18.46
CA LEU A 144 -3.32 23.75 19.89
C LEU A 144 -2.57 22.50 20.35
N ALA A 145 -2.95 21.34 19.81
CA ALA A 145 -2.33 20.09 20.18
C ALA A 145 -2.44 19.18 18.97
N CYS A 146 -1.51 18.24 18.86
CA CYS A 146 -1.58 17.22 17.83
C CYS A 146 -0.90 15.95 18.32
N GLY A 147 -1.17 14.81 17.67
CA GLY A 147 -0.28 13.65 17.81
C GLY A 147 -0.44 12.73 16.62
N VAL A 148 0.48 11.80 16.48
CA VAL A 148 0.54 10.92 15.38
C VAL A 148 -0.45 9.79 15.66
N ILE A 149 -1.20 9.35 14.67
CA ILE A 149 -2.22 8.35 14.89
C ILE A 149 -1.62 6.96 14.77
N GLY A 150 -1.64 6.16 15.84
CA GLY A 150 -0.92 4.90 15.86
C GLY A 150 -1.74 3.65 16.11
N ILE A 151 -1.08 2.51 15.89
CA ILE A 151 -1.76 1.22 15.97
C ILE A 151 -1.95 0.83 17.45
N ALA A 152 -3.17 0.44 17.80
CA ALA A 152 -3.54 0.16 19.21
C ALA A 152 -3.87 -1.31 19.50
N GLN A 153 -3.77 -1.67 20.77
CA GLN A 153 -4.25 -2.97 21.21
C GLN A 153 -5.78 -2.97 21.11
N ALA B 1 4.20 5.98 2.43
CA ALA B 1 4.68 4.85 1.54
C ALA B 1 6.24 4.74 1.30
N THR B 2 6.97 5.85 1.23
CA THR B 2 8.42 5.76 0.98
C THR B 2 9.35 6.46 2.00
N LYS B 3 8.80 7.41 2.76
CA LYS B 3 9.58 8.17 3.74
C LYS B 3 8.79 8.27 5.10
N ALA B 4 9.45 8.05 6.21
CA ALA B 4 8.80 8.13 7.50
C ALA B 4 9.69 8.83 8.48
N VAL B 5 9.11 9.31 9.56
CA VAL B 5 9.88 10.02 10.56
C VAL B 5 9.34 9.70 11.97
N CYS B 6 10.22 9.66 12.97
CA CYS B 6 9.84 9.41 14.33
C CYS B 6 10.49 10.49 15.19
N VAL B 7 9.71 11.16 16.04
CA VAL B 7 10.28 12.09 17.05
C VAL B 7 10.33 11.44 18.44
N LEU B 8 11.53 11.32 18.99
CA LEU B 8 11.73 10.55 20.23
C LEU B 8 11.73 11.48 21.45
N LYS B 9 10.90 11.18 22.44
CA LYS B 9 10.74 11.98 23.64
C LYS B 9 10.43 11.04 24.79
N GLY B 10 10.80 11.44 26.00
CA GLY B 10 10.32 10.74 27.20
C GLY B 10 10.47 11.60 28.46
N ASP B 11 10.38 10.93 29.61
CA ASP B 11 10.41 11.58 30.92
C ASP B 11 11.68 12.39 31.30
N GLY B 12 12.82 12.10 30.69
CA GLY B 12 14.08 12.79 31.02
C GLY B 12 14.64 13.60 29.86
N PRO B 13 15.97 13.59 29.69
CA PRO B 13 16.69 14.38 28.66
C PRO B 13 16.92 13.69 27.31
N VAL B 14 16.44 12.45 27.12
CA VAL B 14 16.70 11.74 25.87
C VAL B 14 15.72 12.22 24.81
N GLN B 15 16.25 12.76 23.72
CA GLN B 15 15.41 13.19 22.62
C GLN B 15 16.12 13.09 21.29
N GLY B 16 15.35 12.96 20.22
CA GLY B 16 15.96 12.88 18.89
C GLY B 16 15.00 12.58 17.77
N ILE B 17 15.50 12.73 16.55
CA ILE B 17 14.75 12.59 15.35
C ILE B 17 15.33 11.43 14.56
N ILE B 18 14.49 10.44 14.25
CA ILE B 18 14.87 9.30 13.37
C ILE B 18 14.07 9.29 12.06
N ASN B 19 14.76 9.30 10.93
CA ASN B 19 14.16 9.26 9.60
C ASN B 19 14.25 7.83 9.05
N PHE B 20 13.20 7.35 8.37
CA PHE B 20 13.24 6.10 7.62
C PHE B 20 13.00 6.43 6.15
N GLU B 21 13.65 5.68 5.27
CA GLU B 21 13.42 5.82 3.86
C GLU B 21 13.64 4.48 3.15
N GLN B 22 12.64 4.12 2.34
CA GLN B 22 12.66 2.93 1.52
C GLN B 22 12.58 3.34 0.05
N LYS B 23 13.70 3.24 -0.67
CA LYS B 23 13.67 3.43 -2.13
C LYS B 23 12.60 2.56 -2.83
N GLU B 24 12.50 1.28 -2.49
CA GLU B 24 11.64 0.36 -3.22
C GLU B 24 10.86 -0.56 -2.33
N SER B 25 9.66 -0.97 -2.71
CA SER B 25 8.80 -1.72 -1.79
C SER B 25 9.34 -3.07 -1.26
N ASN B 26 10.44 -3.57 -1.84
CA ASN B 26 10.99 -4.89 -1.47
C ASN B 26 12.49 -4.83 -1.20
N GLY B 27 13.06 -3.63 -1.30
CA GLY B 27 14.41 -3.34 -0.83
C GLY B 27 14.51 -2.92 0.66
N PRO B 28 15.72 -2.51 1.05
CA PRO B 28 15.99 -2.14 2.43
C PRO B 28 15.48 -0.73 2.75
N VAL B 29 15.10 -0.53 4.02
CA VAL B 29 14.87 0.78 4.64
C VAL B 29 16.19 1.41 5.19
N LYS B 30 16.50 2.64 4.76
CA LYS B 30 17.61 3.38 5.38
C LYS B 30 17.10 4.04 6.66
N VAL B 31 17.92 3.99 7.70
CA VAL B 31 17.54 4.59 8.97
C VAL B 31 18.63 5.49 9.51
N TRP B 32 18.31 6.78 9.69
CA TRP B 32 19.27 7.76 10.16
C TRP B 32 18.68 8.93 10.93
N GLY B 33 19.54 9.69 11.60
CA GLY B 33 19.13 10.77 12.47
C GLY B 33 20.05 10.77 13.64
N SER B 34 19.68 11.46 14.72
CA SER B 34 20.46 11.36 15.95
C SER B 34 19.64 11.45 17.21
N ILE B 35 20.26 10.99 18.29
CA ILE B 35 19.66 11.00 19.61
C ILE B 35 20.69 11.67 20.53
N LYS B 36 20.23 12.54 21.45
CA LYS B 36 21.12 13.11 22.46
C LYS B 36 20.59 12.77 23.85
N GLY B 37 21.36 13.07 24.90
CA GLY B 37 20.97 12.81 26.28
C GLY B 37 21.28 11.42 26.77
N LEU B 38 22.13 10.70 26.04
CA LEU B 38 22.36 9.27 26.35
C LEU B 38 23.62 9.17 27.20
N THR B 39 23.60 8.23 28.16
CA THR B 39 24.84 7.77 28.80
C THR B 39 25.70 7.19 27.67
N GLU B 40 27.03 7.41 27.72
CA GLU B 40 27.99 6.83 26.75
C GLU B 40 27.80 5.33 26.58
N GLY B 41 27.99 4.86 25.37
CA GLY B 41 27.84 3.45 25.09
C GLY B 41 26.56 3.05 24.35
N LEU B 42 26.27 1.76 24.47
CA LEU B 42 25.34 1.05 23.65
C LEU B 42 23.93 1.15 24.19
N HIS B 43 22.98 1.44 23.29
CA HIS B 43 21.57 1.42 23.67
C HIS B 43 20.70 0.69 22.69
N GLY B 44 19.85 -0.15 23.25
CA GLY B 44 18.94 -0.94 22.48
C GLY B 44 18.02 -0.03 21.67
N PHE B 45 17.65 -0.46 20.46
CA PHE B 45 16.97 0.36 19.48
C PHE B 45 16.00 -0.58 18.84
N HIS B 46 14.73 -0.49 19.24
CA HIS B 46 13.67 -1.42 18.83
C HIS B 46 12.42 -0.81 18.26
N VAL B 47 11.74 -1.52 17.36
CA VAL B 47 10.38 -1.18 17.06
C VAL B 47 9.47 -2.04 17.92
N HIS B 48 8.65 -1.43 18.75
CA HIS B 48 7.61 -2.10 19.52
C HIS B 48 6.28 -2.03 18.84
N GLU B 49 5.32 -2.82 19.37
CA GLU B 49 4.18 -3.25 18.59
C GLU B 49 3.18 -2.16 18.40
N PHE B 50 3.00 -1.30 19.38
CA PHE B 50 1.86 -0.42 19.37
C PHE B 50 2.28 1.02 19.29
N GLY B 51 1.61 1.81 18.44
CA GLY B 51 1.82 3.25 18.41
C GLY B 51 0.99 3.88 19.53
N ASP B 52 1.13 3.37 20.75
CA ASP B 52 0.26 3.82 21.83
C ASP B 52 1.04 4.46 22.97
N ASN B 53 0.83 5.74 23.17
CA ASN B 53 1.57 6.46 24.16
C ASN B 53 0.68 7.01 25.28
N THR B 54 -0.46 6.34 25.53
CA THR B 54 -1.47 6.78 26.49
C THR B 54 -0.92 6.86 27.89
N ALA B 55 0.09 6.05 28.17
CA ALA B 55 0.65 5.96 29.51
C ALA B 55 2.15 5.95 29.41
N GLY B 56 2.72 6.81 28.60
CA GLY B 56 4.16 6.82 28.39
C GLY B 56 4.61 5.71 27.45
N CYS B 57 5.92 5.65 27.21
CA CYS B 57 6.55 4.55 26.52
C CYS B 57 6.05 3.12 26.89
N THR B 58 5.60 2.87 28.13
CA THR B 58 5.23 1.47 28.42
C THR B 58 4.03 0.97 27.61
N SER B 59 3.13 1.86 27.18
CA SER B 59 1.95 1.43 26.41
C SER B 59 2.21 0.99 24.95
N ALA B 60 3.43 1.24 24.48
CA ALA B 60 3.90 0.73 23.19
C ALA B 60 3.95 -0.79 23.17
N GLY B 61 3.82 -1.42 24.34
CA GLY B 61 3.82 -2.88 24.47
C GLY B 61 5.15 -3.51 24.13
N PRO B 62 5.11 -4.78 23.70
CA PRO B 62 6.30 -5.62 23.48
C PRO B 62 6.97 -5.37 22.12
N HIS B 63 8.11 -6.01 21.87
CA HIS B 63 8.73 -5.94 20.56
C HIS B 63 7.76 -6.27 19.45
N PHE B 64 7.90 -5.58 18.31
CA PHE B 64 7.09 -5.91 17.13
C PHE B 64 7.67 -7.18 16.52
N ASN B 65 6.83 -8.20 16.41
CA ASN B 65 7.28 -9.56 16.20
C ASN B 65 6.08 -10.27 15.60
N PRO B 66 5.71 -9.91 14.36
CA PRO B 66 4.49 -10.57 13.88
C PRO B 66 4.78 -12.00 13.40
N LEU B 67 6.04 -12.28 13.03
CA LEU B 67 6.43 -13.63 12.63
C LEU B 67 6.74 -14.51 13.84
N SER B 68 6.62 -13.96 15.05
CA SER B 68 6.72 -14.74 16.29
C SER B 68 8.02 -15.54 16.42
N ARG B 69 9.15 -14.89 16.22
CA ARG B 69 10.40 -15.58 16.40
C ARG B 69 11.04 -15.20 17.71
N LYS B 70 12.25 -15.68 17.98
CA LYS B 70 12.97 -15.39 19.22
C LYS B 70 13.73 -14.12 18.94
N HIS B 71 14.09 -13.43 20.01
CA HIS B 71 14.85 -12.19 19.92
C HIS B 71 16.31 -12.41 19.60
N GLY B 72 16.82 -11.70 18.60
CA GLY B 72 18.24 -11.76 18.18
C GLY B 72 18.69 -10.35 17.85
N GLY B 73 19.82 -10.21 17.14
CA GLY B 73 20.28 -8.90 16.62
C GLY B 73 19.95 -8.70 15.13
N PRO B 74 20.16 -7.48 14.60
CA PRO B 74 19.59 -7.18 13.29
C PRO B 74 20.10 -8.09 12.18
N LYS B 75 21.34 -8.59 12.33
CA LYS B 75 21.95 -9.47 11.33
C LYS B 75 21.71 -10.97 11.56
N ASP B 76 20.84 -11.32 12.52
CA ASP B 76 20.48 -12.71 12.78
C ASP B 76 19.34 -13.12 11.89
N GLU B 77 19.30 -14.41 11.55
CA GLU B 77 18.14 -15.02 10.90
C GLU B 77 16.95 -15.04 11.86
N GLU B 78 17.16 -15.60 13.05
CA GLU B 78 16.18 -15.57 14.14
C GLU B 78 16.24 -14.24 14.90
N ARG B 79 15.24 -13.37 14.66
CA ARG B 79 15.04 -12.07 15.34
C ARG B 79 13.58 -11.63 15.23
N HIS B 80 13.13 -10.73 16.09
CA HIS B 80 11.88 -9.99 15.90
C HIS B 80 11.98 -9.06 14.70
N VAL B 81 10.85 -8.70 14.08
CA VAL B 81 10.92 -7.70 13.00
C VAL B 81 11.53 -6.40 13.55
N GLY B 82 11.12 -6.06 14.76
CA GLY B 82 11.60 -4.82 15.40
C GLY B 82 12.99 -4.85 16.04
N ASP B 83 13.77 -5.92 15.84
CA ASP B 83 15.10 -6.01 16.45
C ASP B 83 16.11 -5.24 15.64
N LEU B 84 16.20 -3.94 15.88
CA LEU B 84 17.18 -3.11 15.15
C LEU B 84 18.50 -2.95 15.86
N GLY B 85 18.75 -3.75 16.88
CA GLY B 85 20.06 -3.81 17.54
C GLY B 85 20.32 -2.69 18.55
N ASN B 86 21.44 -1.98 18.37
CA ASN B 86 21.96 -1.05 19.35
C ASN B 86 22.42 0.12 18.60
N VAL B 87 22.35 1.26 19.27
CA VAL B 87 22.97 2.45 18.79
C VAL B 87 24.04 2.83 19.78
N THR B 88 25.03 3.53 19.27
CA THR B 88 26.19 3.80 20.06
C THR B 88 26.33 5.32 20.35
N ALA B 89 26.10 5.68 21.60
CA ALA B 89 26.38 7.02 22.02
C ALA B 89 27.81 7.38 22.35
N ASP B 90 28.24 8.52 21.91
CA ASP B 90 29.61 8.97 22.10
C ASP B 90 29.82 9.53 23.51
N LYS B 91 30.75 10.25 23.86
CA LYS B 91 31.05 10.64 25.17
C LYS B 91 30.31 11.82 25.60
N ASP B 92 29.99 12.68 24.67
CA ASP B 92 29.00 13.75 24.83
C ASP B 92 27.65 13.07 24.66
N GLY B 93 27.62 12.15 23.69
CA GLY B 93 26.58 11.12 23.47
C GLY B 93 25.12 11.48 23.48
N VAL B 94 24.65 11.87 22.38
CA VAL B 94 24.90 11.78 20.97
C VAL B 94 25.03 10.43 20.39
N ALA B 95 23.95 9.76 19.94
CA ALA B 95 24.32 8.64 19.00
C ALA B 95 24.01 9.13 17.61
N ASP B 96 24.92 9.06 16.69
CA ASP B 96 24.66 9.26 15.30
C ASP B 96 24.14 7.93 14.76
N VAL B 97 22.96 7.90 14.21
CA VAL B 97 22.33 6.64 13.82
C VAL B 97 22.38 6.50 12.33
N SER B 98 22.93 5.40 11.86
CA SER B 98 23.02 5.14 10.44
C SER B 98 23.01 3.62 10.25
N ILE B 99 21.93 3.13 9.65
CA ILE B 99 21.55 1.72 9.65
C ILE B 99 20.82 1.45 8.34
N GLU B 100 20.99 0.24 7.79
CA GLU B 100 20.11 -0.29 6.73
C GLU B 100 19.50 -1.62 7.17
N ASP B 101 18.25 -1.88 6.82
CA ASP B 101 17.62 -3.08 7.33
C ASP B 101 16.63 -3.71 6.35
N SER B 102 16.64 -5.04 6.24
CA SER B 102 15.82 -5.71 5.23
C SER B 102 14.62 -6.43 5.80
N VAL B 103 14.44 -6.39 7.11
CA VAL B 103 13.29 -7.05 7.73
C VAL B 103 12.16 -6.04 7.98
N ILE B 104 12.48 -4.84 8.45
CA ILE B 104 11.45 -3.85 8.66
C ILE B 104 10.97 -3.35 7.31
N SER B 105 9.69 -3.03 7.18
CA SER B 105 9.27 -2.37 5.95
C SER B 105 8.36 -1.18 6.23
N LEU B 106 8.42 -0.18 5.35
CA LEU B 106 7.44 0.89 5.31
C LEU B 106 6.13 0.58 4.56
N SER B 107 5.99 -0.59 3.95
CA SER B 107 4.68 -1.05 3.39
C SER B 107 4.37 -2.47 3.78
N GLY B 108 3.09 -2.85 3.67
CA GLY B 108 2.59 -4.22 3.84
C GLY B 108 2.29 -4.85 5.20
N ASP B 109 2.93 -6.00 5.44
CA ASP B 109 2.71 -6.83 6.63
C ASP B 109 3.69 -6.45 7.75
N HIS B 110 5.00 -6.55 7.49
CA HIS B 110 6.05 -6.03 8.40
C HIS B 110 6.09 -4.49 8.50
N CYS B 111 4.95 -3.81 8.25
CA CYS B 111 4.96 -2.35 8.10
C CYS B 111 5.19 -1.68 9.46
N ILE B 112 6.12 -0.76 9.57
CA ILE B 112 6.35 -0.15 10.92
C ILE B 112 5.69 1.22 11.09
N ILE B 113 5.13 1.77 10.02
CA ILE B 113 4.36 3.01 10.16
C ILE B 113 3.21 2.82 11.21
N GLY B 114 3.11 3.72 12.19
CA GLY B 114 2.06 3.61 13.20
C GLY B 114 2.46 2.77 14.40
N ARG B 115 3.68 2.29 14.40
CA ARG B 115 4.22 1.58 15.53
C ARG B 115 5.17 2.51 16.29
N THR B 116 5.79 2.01 17.35
CA THR B 116 6.65 2.87 18.20
C THR B 116 8.11 2.46 18.15
N LEU B 117 8.96 3.45 17.91
CA LEU B 117 10.35 3.29 17.97
C LEU B 117 10.83 3.65 19.39
N VAL B 118 11.69 2.81 19.97
CA VAL B 118 12.10 3.07 21.34
C VAL B 118 13.58 2.94 21.51
N VAL B 119 14.17 3.86 22.27
CA VAL B 119 15.58 3.74 22.61
C VAL B 119 15.68 3.40 24.11
N HIS B 120 16.39 2.33 24.46
CA HIS B 120 16.34 1.78 25.82
C HIS B 120 17.51 2.17 26.72
N GLU B 121 17.34 1.85 28.02
CA GLU B 121 18.26 2.20 29.12
C GLU B 121 19.69 1.72 28.89
N LYS B 122 19.86 0.43 28.57
CA LYS B 122 21.19 -0.18 28.31
C LYS B 122 21.27 -0.94 26.99
N ALA B 123 22.48 -1.36 26.66
CA ALA B 123 22.72 -2.29 25.57
C ALA B 123 21.69 -3.45 25.40
N ASP B 124 21.26 -3.68 24.15
CA ASP B 124 20.58 -4.93 23.75
C ASP B 124 21.66 -6.02 23.73
N ASP B 125 21.46 -7.10 24.48
CA ASP B 125 22.49 -8.19 24.53
C ASP B 125 22.34 -9.24 23.40
N LEU B 126 21.24 -9.15 22.66
CA LEU B 126 21.07 -9.79 21.34
C LEU B 126 20.74 -11.24 21.41
N GLY B 127 20.04 -11.67 22.44
CA GLY B 127 19.82 -13.10 22.66
C GLY B 127 20.93 -13.89 23.36
N LYS B 128 22.12 -13.30 23.51
CA LYS B 128 23.31 -14.03 24.03
C LYS B 128 23.72 -13.61 25.43
N GLY B 129 22.74 -13.40 26.32
CA GLY B 129 22.99 -12.87 27.65
C GLY B 129 22.72 -13.91 28.71
N GLY B 130 22.26 -15.06 28.27
CA GLY B 130 22.38 -16.24 29.09
C GLY B 130 21.35 -16.36 30.17
N ASN B 131 20.25 -15.63 30.05
CA ASN B 131 19.09 -15.83 30.92
C ASN B 131 17.78 -15.78 30.13
N GLU B 132 16.64 -15.94 30.80
CA GLU B 132 15.37 -16.02 30.11
C GLU B 132 15.02 -14.74 29.33
N GLU B 133 15.15 -13.60 29.99
CA GLU B 133 14.69 -12.35 29.43
C GLU B 133 15.60 -11.87 28.32
N SER B 134 16.81 -12.41 28.25
CA SER B 134 17.70 -12.13 27.13
C SER B 134 17.10 -12.63 25.80
N THR B 135 16.51 -13.83 25.81
CA THR B 135 15.86 -14.39 24.60
C THR B 135 14.50 -13.74 24.26
N LYS B 136 13.92 -13.01 25.21
CA LYS B 136 12.62 -12.34 25.02
C LYS B 136 12.79 -10.89 24.64
N THR B 137 13.79 -10.22 25.21
CA THR B 137 13.94 -8.77 25.04
C THR B 137 15.37 -8.30 24.90
N GLY B 138 16.33 -9.17 25.23
CA GLY B 138 17.75 -8.79 25.22
C GLY B 138 18.24 -7.93 26.39
N ASN B 139 17.45 -7.91 27.49
CA ASN B 139 17.60 -7.02 28.71
C ASN B 139 18.05 -5.60 28.46
N ALA B 140 17.30 -4.83 27.68
CA ALA B 140 17.85 -3.52 27.33
C ALA B 140 17.47 -2.44 28.35
N GLY B 141 16.58 -2.80 29.28
CA GLY B 141 16.34 -1.98 30.44
C GLY B 141 14.99 -1.30 30.50
N SER B 142 15.01 0.03 30.58
CA SER B 142 13.78 0.76 30.56
C SER B 142 13.75 1.59 29.29
N ARG B 143 12.57 2.12 29.01
CA ARG B 143 12.35 2.93 27.85
C ARG B 143 12.70 4.39 28.15
N LEU B 144 13.82 4.89 27.66
CA LEU B 144 14.18 6.29 27.90
C LEU B 144 13.40 7.32 27.06
N ALA B 145 13.10 6.96 25.81
CA ALA B 145 12.40 7.81 24.85
C ALA B 145 11.77 6.92 23.78
N CYS B 146 10.63 7.40 23.28
CA CYS B 146 9.87 6.74 22.26
C CYS B 146 9.14 7.79 21.42
N GLY B 147 8.43 7.31 20.38
CA GLY B 147 7.74 8.13 19.41
C GLY B 147 7.09 7.21 18.40
N VAL B 148 5.82 7.51 18.07
CA VAL B 148 5.08 6.84 17.03
C VAL B 148 5.75 7.17 15.64
N ILE B 149 5.90 6.17 14.76
CA ILE B 149 6.54 6.33 13.44
C ILE B 149 5.51 6.88 12.43
N GLY B 150 5.72 8.03 11.85
CA GLY B 150 4.70 8.57 11.03
C GLY B 150 5.13 8.87 9.60
N ILE B 151 4.14 9.11 8.75
CA ILE B 151 4.37 9.49 7.35
C ILE B 151 5.06 10.87 7.23
N ALA B 152 6.19 10.89 6.55
CA ALA B 152 6.93 12.12 6.41
C ALA B 152 6.71 12.68 5.00
N GLN B 153 6.89 13.99 4.83
CA GLN B 153 6.82 14.58 3.50
C GLN B 153 7.98 14.12 2.63
N ALA C 1 -2.91 -8.47 -4.79
CA ALA C 1 -2.77 -9.58 -3.79
C ALA C 1 -1.37 -10.26 -3.74
N THR C 2 -1.31 -11.38 -3.05
CA THR C 2 -0.10 -12.15 -2.90
C THR C 2 -0.03 -13.28 -3.93
N LYS C 3 -1.04 -13.41 -4.80
CA LYS C 3 -1.02 -14.46 -5.84
C LYS C 3 -1.25 -13.87 -7.22
N ALA C 4 -0.52 -14.40 -8.18
CA ALA C 4 -0.72 -14.03 -9.56
C ALA C 4 -0.60 -15.29 -10.41
N VAL C 5 -0.99 -15.18 -11.67
CA VAL C 5 -1.02 -16.31 -12.58
C VAL C 5 -0.90 -15.81 -14.00
N CYS C 6 -0.48 -16.69 -14.92
CA CYS C 6 -0.21 -16.23 -16.26
C CYS C 6 -0.28 -17.40 -17.22
N VAL C 7 -1.10 -17.27 -18.26
CA VAL C 7 -1.34 -18.36 -19.21
C VAL C 7 -0.61 -18.03 -20.47
N LEU C 8 0.33 -18.90 -20.87
CA LEU C 8 1.15 -18.64 -22.06
C LEU C 8 0.62 -19.32 -23.33
N LYS C 9 0.65 -18.56 -24.43
CA LYS C 9 0.21 -18.99 -25.77
C LYS C 9 0.93 -18.11 -26.75
N GLY C 10 1.10 -18.62 -27.96
CA GLY C 10 1.77 -17.91 -29.04
C GLY C 10 1.39 -18.54 -30.37
N ASP C 11 2.11 -18.20 -31.42
CA ASP C 11 1.74 -18.69 -32.74
C ASP C 11 1.86 -20.20 -32.90
N GLY C 12 2.89 -20.77 -32.27
CA GLY C 12 3.20 -22.22 -32.30
C GLY C 12 2.44 -23.07 -31.30
N PRO C 13 3.00 -24.23 -30.97
CA PRO C 13 2.34 -25.13 -30.03
C PRO C 13 2.72 -24.83 -28.55
N VAL C 14 3.59 -23.85 -28.33
CA VAL C 14 4.10 -23.59 -26.97
C VAL C 14 3.00 -23.06 -26.07
N GLN C 15 2.69 -23.78 -25.00
CA GLN C 15 1.66 -23.34 -24.08
C GLN C 15 1.81 -23.86 -22.65
N GLY C 16 1.28 -23.11 -21.68
CA GLY C 16 1.24 -23.53 -20.29
C GLY C 16 0.79 -22.47 -19.28
N ILE C 17 0.89 -22.82 -18.02
CA ILE C 17 0.46 -21.97 -16.94
C ILE C 17 1.57 -21.74 -15.92
N ILE C 18 1.78 -20.49 -15.56
CA ILE C 18 2.71 -20.13 -14.52
C ILE C 18 2.02 -19.34 -13.39
N ASN C 19 2.35 -19.71 -12.14
CA ASN C 19 1.92 -19.05 -10.94
C ASN C 19 3.02 -18.32 -10.22
N PHE C 20 2.59 -17.28 -9.51
CA PHE C 20 3.45 -16.46 -8.70
C PHE C 20 2.83 -16.36 -7.31
N GLU C 21 3.67 -16.28 -6.30
CA GLU C 21 3.19 -16.26 -4.94
C GLU C 21 4.22 -15.45 -4.16
N GLN C 22 3.76 -14.42 -3.46
CA GLN C 22 4.66 -13.62 -2.63
C GLN C 22 4.07 -13.50 -1.24
N LYS C 23 4.80 -14.06 -0.27
CA LYS C 23 4.27 -14.24 1.08
C LYS C 23 4.25 -12.95 1.89
N GLU C 24 5.25 -12.11 1.69
CA GLU C 24 5.49 -10.85 2.38
C GLU C 24 5.85 -9.84 1.34
N SER C 25 5.44 -8.59 1.57
CA SER C 25 5.52 -7.53 0.58
C SER C 25 6.99 -7.22 0.23
N ASN C 26 7.89 -7.68 1.09
CA ASN C 26 9.31 -7.39 0.96
C ASN C 26 10.19 -8.65 0.85
N GLY C 27 9.53 -9.81 0.81
CA GLY C 27 10.20 -11.10 0.61
C GLY C 27 10.27 -11.59 -0.83
N PRO C 28 10.76 -12.83 -1.04
CA PRO C 28 10.94 -13.44 -2.37
C PRO C 28 9.62 -13.84 -3.05
N VAL C 29 9.56 -13.75 -4.38
CA VAL C 29 8.46 -14.34 -5.13
C VAL C 29 8.78 -15.76 -5.63
N LYS C 30 7.89 -16.72 -5.36
CA LYS C 30 8.04 -18.10 -5.85
C LYS C 30 7.35 -18.13 -7.19
N VAL C 31 7.97 -18.82 -8.18
CA VAL C 31 7.43 -18.92 -9.53
C VAL C 31 7.45 -20.38 -9.93
N TRP C 32 6.28 -20.97 -10.16
CA TRP C 32 6.20 -22.36 -10.55
C TRP C 32 5.12 -22.63 -11.57
N GLY C 33 5.30 -23.68 -12.35
CA GLY C 33 4.27 -24.26 -13.23
C GLY C 33 4.88 -25.11 -14.33
N SER C 34 4.11 -25.30 -15.40
CA SER C 34 4.48 -26.18 -16.51
C SER C 34 4.22 -25.57 -17.86
N ILE C 35 5.15 -25.76 -18.78
CA ILE C 35 5.05 -25.27 -20.16
C ILE C 35 5.30 -26.44 -21.13
N LYS C 36 4.45 -26.61 -22.14
CA LYS C 36 4.64 -27.70 -23.09
C LYS C 36 4.87 -27.20 -24.55
N GLY C 37 5.25 -28.12 -25.46
CA GLY C 37 5.46 -27.75 -26.86
C GLY C 37 6.81 -27.13 -27.13
N LEU C 38 7.74 -27.35 -26.20
CA LEU C 38 9.11 -26.82 -26.38
C LEU C 38 10.16 -27.78 -27.03
N THR C 39 11.00 -27.23 -27.93
CA THR C 39 12.25 -27.88 -28.35
C THR C 39 13.12 -28.13 -27.10
N GLU C 40 13.83 -29.26 -27.08
CA GLU C 40 14.67 -29.69 -25.93
C GLU C 40 15.62 -28.62 -25.43
N GLY C 41 15.72 -28.56 -24.11
CA GLY C 41 16.68 -27.67 -23.45
C GLY C 41 16.14 -26.35 -22.90
N LEU C 42 16.89 -25.30 -23.18
CA LEU C 42 16.86 -24.10 -22.41
C LEU C 42 16.28 -22.99 -23.25
N HIS C 43 15.41 -22.16 -22.64
CA HIS C 43 14.86 -20.94 -23.31
C HIS C 43 14.73 -19.79 -22.36
N GLY C 44 15.23 -18.61 -22.75
CA GLY C 44 14.97 -17.36 -22.01
C GLY C 44 13.55 -17.27 -21.38
N PHE C 45 13.49 -16.72 -20.17
CA PHE C 45 12.23 -16.59 -19.44
C PHE C 45 12.25 -15.19 -18.87
N HIS C 46 11.58 -14.24 -19.52
CA HIS C 46 11.60 -12.87 -19.03
C HIS C 46 10.26 -12.29 -18.85
N VAL C 47 10.16 -11.39 -17.87
CA VAL C 47 9.10 -10.43 -17.77
C VAL C 47 9.43 -9.26 -18.68
N HIS C 48 8.51 -8.94 -19.58
CA HIS C 48 8.65 -7.76 -20.40
C HIS C 48 7.80 -6.66 -19.89
N GLU C 49 8.11 -5.43 -20.29
CA GLU C 49 7.53 -4.24 -19.73
C GLU C 49 6.03 -4.06 -19.92
N PHE C 50 5.50 -4.37 -21.10
CA PHE C 50 4.09 -4.07 -21.36
C PHE C 50 3.15 -5.24 -21.32
N GLY C 51 1.99 -5.07 -20.67
CA GLY C 51 0.91 -6.08 -20.71
C GLY C 51 0.08 -5.98 -21.98
N ASP C 52 0.77 -5.83 -23.13
CA ASP C 52 0.19 -5.57 -24.47
C ASP C 52 0.43 -6.74 -25.45
N ASN C 53 -0.55 -7.62 -25.64
CA ASN C 53 -0.46 -8.71 -26.60
C ASN C 53 -1.24 -8.34 -27.93
N THR C 54 -1.37 -7.03 -28.23
CA THR C 54 -2.18 -6.56 -29.39
C THR C 54 -1.66 -7.10 -30.69
N ALA C 55 -0.35 -6.93 -30.95
CA ALA C 55 0.29 -7.61 -32.07
C ALA C 55 1.15 -8.85 -31.66
N GLY C 56 0.56 -9.77 -30.88
CA GLY C 56 1.27 -10.92 -30.35
C GLY C 56 2.35 -10.57 -29.34
N CYS C 57 3.29 -11.48 -29.13
CA CYS C 57 4.36 -11.27 -28.16
C CYS C 57 5.29 -10.08 -28.42
N THR C 58 5.47 -9.68 -29.68
CA THR C 58 6.28 -8.46 -29.98
C THR C 58 5.96 -7.20 -29.17
N SER C 59 4.66 -6.93 -29.07
CA SER C 59 4.16 -5.69 -28.51
C SER C 59 4.33 -5.64 -26.99
N ALA C 60 4.82 -6.72 -26.40
CA ALA C 60 5.18 -6.71 -24.98
C ALA C 60 6.34 -5.79 -24.71
N GLY C 61 6.93 -5.24 -25.79
CA GLY C 61 8.12 -4.35 -25.69
C GLY C 61 9.34 -5.08 -25.11
N PRO C 62 10.27 -4.33 -24.45
CA PRO C 62 11.57 -4.85 -24.03
C PRO C 62 11.49 -5.57 -22.69
N HIS C 63 12.59 -6.20 -22.26
CA HIS C 63 12.78 -6.72 -20.88
C HIS C 63 12.28 -5.71 -19.89
N PHE C 64 11.57 -6.17 -18.86
CA PHE C 64 11.09 -5.21 -17.87
C PHE C 64 12.27 -4.67 -17.09
N ASN C 65 12.35 -3.34 -17.01
CA ASN C 65 13.43 -2.66 -16.31
C ASN C 65 12.96 -1.28 -15.85
N PRO C 66 12.63 -1.15 -14.56
CA PRO C 66 12.24 0.18 -14.10
C PRO C 66 13.45 1.11 -13.76
N LEU C 67 14.49 0.55 -13.11
CA LEU C 67 15.68 1.33 -12.68
C LEU C 67 16.97 0.88 -13.38
N ARG C 79 21.81 -7.73 -14.12
CA ARG C 79 20.60 -8.43 -14.65
C ARG C 79 19.41 -7.46 -14.73
N HIS C 80 18.62 -7.56 -15.80
CA HIS C 80 17.36 -6.83 -15.90
C HIS C 80 16.39 -7.34 -14.85
N VAL C 81 15.55 -6.45 -14.31
CA VAL C 81 14.51 -6.86 -13.30
C VAL C 81 13.66 -8.09 -13.72
N GLY C 82 13.12 -8.04 -14.92
CA GLY C 82 12.40 -9.16 -15.51
C GLY C 82 13.17 -10.45 -15.81
N ASP C 83 14.49 -10.43 -15.73
CA ASP C 83 15.30 -11.62 -16.08
C ASP C 83 15.16 -12.78 -15.10
N LEU C 84 14.34 -13.78 -15.42
CA LEU C 84 14.27 -14.94 -14.54
C LEU C 84 15.10 -16.13 -15.03
N GLY C 85 16.07 -15.86 -15.92
CA GLY C 85 16.91 -16.95 -16.48
C GLY C 85 16.25 -17.72 -17.62
N ASN C 86 16.20 -19.05 -17.48
CA ASN C 86 15.72 -19.92 -18.56
C ASN C 86 14.84 -20.89 -17.94
N VAL C 87 14.01 -21.51 -18.75
CA VAL C 87 13.45 -22.79 -18.34
C VAL C 87 13.98 -23.94 -19.22
N THR C 88 13.72 -25.16 -18.77
CA THR C 88 14.37 -26.34 -19.29
C THR C 88 13.36 -27.33 -19.74
N ALA C 89 13.34 -27.52 -21.05
CA ALA C 89 12.49 -28.54 -21.65
C ALA C 89 13.24 -29.89 -21.66
N ASP C 90 12.53 -30.92 -21.19
CA ASP C 90 12.93 -32.32 -21.39
C ASP C 90 12.83 -32.71 -22.88
N LYS C 91 12.86 -34.03 -23.12
CA LYS C 91 12.82 -34.62 -24.46
C LYS C 91 11.46 -34.46 -25.13
N ASP C 92 10.41 -34.48 -24.33
CA ASP C 92 9.01 -34.37 -24.71
C ASP C 92 8.54 -32.93 -24.64
N GLY C 93 7.44 -32.52 -24.25
CA GLY C 93 7.03 -31.13 -24.13
C GLY C 93 8.14 -30.24 -23.61
N VAL C 94 8.54 -30.48 -22.38
CA VAL C 94 7.71 -30.33 -21.19
C VAL C 94 8.78 -29.71 -20.26
N ALA C 95 8.44 -28.56 -19.69
CA ALA C 95 9.34 -27.80 -18.84
C ALA C 95 8.63 -27.65 -17.53
N ASP C 96 9.26 -28.11 -16.47
CA ASP C 96 8.73 -27.84 -15.15
C ASP C 96 9.41 -26.62 -14.59
N VAL C 97 8.62 -25.65 -14.20
CA VAL C 97 9.20 -24.47 -13.63
C VAL C 97 9.14 -24.55 -12.12
N SER C 98 10.26 -24.09 -11.55
CA SER C 98 10.43 -23.82 -10.12
C SER C 98 11.53 -22.77 -9.94
N ILE C 99 11.10 -21.52 -9.74
CA ILE C 99 12.01 -20.43 -9.49
C ILE C 99 11.64 -19.72 -8.18
N GLU C 100 12.63 -19.07 -7.58
CA GLU C 100 12.41 -18.20 -6.43
C GLU C 100 13.26 -16.98 -6.66
N ASP C 101 12.63 -15.80 -6.69
CA ASP C 101 13.25 -14.57 -7.15
C ASP C 101 12.93 -13.44 -6.19
N SER C 102 13.92 -12.59 -5.94
CA SER C 102 13.82 -11.62 -4.89
C SER C 102 14.02 -10.24 -5.44
N VAL C 103 14.15 -10.16 -6.76
CA VAL C 103 14.09 -8.87 -7.46
C VAL C 103 12.64 -8.54 -7.92
N ILE C 104 11.91 -9.51 -8.41
CA ILE C 104 10.56 -9.24 -8.83
C ILE C 104 9.66 -9.05 -7.62
N SER C 105 8.61 -8.27 -7.80
CA SER C 105 7.61 -8.17 -6.78
C SER C 105 6.20 -8.24 -7.32
N LEU C 106 5.30 -8.77 -6.51
CA LEU C 106 3.86 -8.65 -6.75
C LEU C 106 3.22 -7.34 -6.21
N SER C 107 4.02 -6.36 -5.76
CA SER C 107 3.50 -5.02 -5.54
C SER C 107 4.56 -3.93 -5.57
N GLY C 108 4.16 -2.68 -5.37
CA GLY C 108 5.12 -1.56 -5.35
C GLY C 108 5.80 -1.28 -6.68
N ASP C 109 7.10 -0.95 -6.61
CA ASP C 109 7.91 -0.48 -7.77
C ASP C 109 8.25 -1.61 -8.77
N HIS C 110 8.65 -2.76 -8.25
CA HIS C 110 9.07 -3.88 -9.10
C HIS C 110 7.91 -4.76 -9.47
N CYS C 111 6.70 -4.18 -9.43
CA CYS C 111 5.47 -4.95 -9.55
C CYS C 111 5.32 -5.49 -10.95
N ILE C 112 5.06 -6.79 -11.07
CA ILE C 112 4.94 -7.44 -12.39
C ILE C 112 3.51 -7.68 -12.84
N ILE C 113 2.54 -7.39 -11.99
CA ILE C 113 1.14 -7.53 -12.34
C ILE C 113 0.75 -6.64 -13.49
N GLY C 114 0.05 -7.23 -14.46
CA GLY C 114 -0.37 -6.49 -15.65
C GLY C 114 0.72 -6.40 -16.73
N ARG C 115 1.86 -7.02 -16.47
CA ARG C 115 2.90 -7.04 -17.49
C ARG C 115 2.94 -8.44 -18.15
N THR C 116 3.92 -8.72 -18.99
CA THR C 116 3.92 -9.98 -19.80
C THR C 116 5.12 -10.85 -19.49
N LEU C 117 4.84 -12.11 -19.29
CA LEU C 117 5.84 -13.16 -19.16
C LEU C 117 6.03 -13.79 -20.53
N VAL C 118 7.25 -13.72 -21.04
CA VAL C 118 7.58 -14.29 -22.35
C VAL C 118 8.55 -15.46 -22.20
N VAL C 119 8.24 -16.58 -22.82
CA VAL C 119 9.25 -17.61 -23.08
C VAL C 119 9.93 -17.47 -24.47
N HIS C 120 11.26 -17.42 -24.54
CA HIS C 120 11.95 -17.24 -25.84
C HIS C 120 12.41 -18.52 -26.52
N GLU C 121 12.76 -18.42 -27.81
CA GLU C 121 13.27 -19.61 -28.54
C GLU C 121 14.63 -20.11 -28.05
N LYS C 122 15.61 -19.24 -27.90
CA LYS C 122 16.92 -19.71 -27.47
C LYS C 122 17.23 -19.49 -25.99
N ALA C 123 18.10 -20.35 -25.46
CA ALA C 123 18.63 -20.18 -24.12
C ALA C 123 19.16 -18.76 -24.00
N ASP C 124 19.02 -18.19 -22.82
CA ASP C 124 19.21 -16.74 -22.62
C ASP C 124 20.12 -16.05 -23.66
N GLY C 141 16.90 -14.11 -31.16
CA GLY C 141 15.75 -15.00 -31.50
C GLY C 141 14.36 -14.35 -31.45
N SER C 142 13.33 -15.19 -31.58
CA SER C 142 11.97 -14.70 -31.52
C SER C 142 11.24 -15.18 -30.24
N ARG C 143 10.10 -14.56 -29.97
CA ARG C 143 9.34 -14.84 -28.76
C ARG C 143 8.30 -15.92 -29.05
N LEU C 144 8.44 -17.06 -28.41
CA LEU C 144 7.57 -18.19 -28.71
C LEU C 144 6.14 -18.13 -28.14
N ALA C 145 6.02 -17.63 -26.92
CA ALA C 145 4.72 -17.62 -26.23
C ALA C 145 4.76 -16.62 -25.06
N CYS C 146 3.62 -16.00 -24.81
CA CYS C 146 3.50 -14.99 -23.79
C CYS C 146 2.13 -14.91 -23.15
N GLY C 147 2.03 -14.03 -22.15
CA GLY C 147 0.82 -13.89 -21.35
C GLY C 147 0.91 -12.68 -20.42
N VAL C 148 -0.17 -11.92 -20.33
CA VAL C 148 -0.27 -10.84 -19.34
C VAL C 148 -0.36 -11.46 -17.93
N ILE C 149 0.39 -10.95 -16.98
CA ILE C 149 0.38 -11.46 -15.63
C ILE C 149 -0.80 -10.87 -14.86
N GLY C 150 -1.68 -11.72 -14.35
CA GLY C 150 -2.92 -11.28 -13.76
C GLY C 150 -3.06 -11.65 -12.31
N ILE C 151 -3.92 -10.92 -11.61
CA ILE C 151 -4.33 -11.18 -10.22
C ILE C 151 -5.10 -12.50 -10.06
N ALA C 152 -4.65 -13.37 -9.16
CA ALA C 152 -5.24 -14.70 -8.95
C ALA C 152 -6.01 -14.82 -7.62
N GLN C 153 -6.97 -15.74 -7.54
CA GLN C 153 -7.67 -15.94 -6.27
C GLN C 153 -6.80 -16.56 -5.17
N ALA D 1 1.80 4.17 -15.84
CA ALA D 1 0.48 3.61 -15.41
C ALA D 1 -0.73 4.56 -15.68
N THR D 2 -0.75 5.24 -16.83
CA THR D 2 -1.89 6.09 -17.21
C THR D 2 -2.54 5.55 -18.48
N LYS D 3 -1.93 4.49 -19.03
CA LYS D 3 -2.50 3.72 -20.13
C LYS D 3 -2.58 2.22 -19.84
N ALA D 4 -3.65 1.60 -20.28
CA ALA D 4 -3.78 0.16 -20.13
C ALA D 4 -4.38 -0.34 -21.41
N VAL D 5 -4.38 -1.65 -21.63
CA VAL D 5 -4.91 -2.15 -22.88
C VAL D 5 -5.28 -3.60 -22.66
N CYS D 6 -6.23 -4.10 -23.39
CA CYS D 6 -6.66 -5.47 -23.16
C CYS D 6 -7.09 -6.12 -24.47
N VAL D 7 -6.69 -7.39 -24.68
CA VAL D 7 -7.01 -8.15 -25.89
C VAL D 7 -8.07 -9.21 -25.57
N LEU D 8 -9.19 -9.18 -26.28
CA LEU D 8 -10.29 -10.10 -25.96
C LEU D 8 -10.35 -11.30 -26.94
N LYS D 9 -10.40 -12.50 -26.37
CA LYS D 9 -10.53 -13.75 -27.11
C LYS D 9 -11.33 -14.73 -26.27
N GLY D 10 -11.96 -15.70 -26.92
CA GLY D 10 -12.68 -16.79 -26.26
C GLY D 10 -12.78 -18.06 -27.13
N ASP D 11 -13.71 -18.94 -26.77
CA ASP D 11 -14.06 -20.15 -27.52
C ASP D 11 -14.63 -19.82 -28.90
N GLY D 12 -15.71 -19.03 -28.92
CA GLY D 12 -16.44 -18.60 -30.12
C GLY D 12 -15.55 -17.67 -30.92
N PRO D 13 -16.14 -16.85 -31.82
CA PRO D 13 -15.37 -16.01 -32.77
C PRO D 13 -15.18 -14.58 -32.32
N VAL D 14 -15.68 -14.26 -31.12
CA VAL D 14 -15.70 -12.88 -30.65
C VAL D 14 -14.29 -12.42 -30.28
N GLN D 15 -13.90 -11.25 -30.75
CA GLN D 15 -12.55 -10.78 -30.43
C GLN D 15 -12.33 -9.28 -30.66
N GLY D 16 -11.38 -8.69 -29.92
CA GLY D 16 -11.04 -7.28 -30.07
C GLY D 16 -9.97 -6.74 -29.14
N ILE D 17 -9.78 -5.43 -29.23
CA ILE D 17 -8.75 -4.70 -28.53
C ILE D 17 -9.44 -3.55 -27.83
N ILE D 18 -9.18 -3.37 -26.53
CA ILE D 18 -9.78 -2.27 -25.78
C ILE D 18 -8.69 -1.52 -25.06
N ASN D 19 -8.73 -0.20 -25.14
CA ASN D 19 -7.74 0.65 -24.53
C ASN D 19 -8.34 1.48 -23.44
N PHE D 20 -7.49 1.81 -22.48
CA PHE D 20 -7.83 2.63 -21.34
C PHE D 20 -6.78 3.74 -21.18
N GLU D 21 -7.28 4.93 -20.85
CA GLU D 21 -6.44 6.06 -20.55
C GLU D 21 -7.05 6.84 -19.42
N GLN D 22 -6.21 7.21 -18.45
CA GLN D 22 -6.59 8.08 -17.32
C GLN D 22 -5.51 9.12 -17.28
N LYS D 23 -5.78 10.26 -17.91
CA LYS D 23 -4.72 11.27 -17.98
C LYS D 23 -4.47 12.01 -16.64
N GLU D 24 -5.45 12.03 -15.75
CA GLU D 24 -5.19 12.62 -14.45
C GLU D 24 -5.48 11.61 -13.36
N SER D 25 -4.71 11.69 -12.29
CA SER D 25 -4.60 10.64 -11.25
C SER D 25 -5.91 10.26 -10.58
N ASN D 26 -6.78 11.23 -10.31
CA ASN D 26 -8.13 10.95 -9.80
C ASN D 26 -9.23 11.02 -10.86
N GLY D 27 -8.79 11.19 -12.11
CA GLY D 27 -9.72 11.44 -13.20
C GLY D 27 -10.66 10.34 -13.65
N PRO D 28 -11.49 10.67 -14.63
CA PRO D 28 -12.19 9.60 -15.30
C PRO D 28 -11.26 8.85 -16.27
N VAL D 29 -11.61 7.60 -16.55
CA VAL D 29 -10.88 6.76 -17.50
C VAL D 29 -11.63 6.75 -18.83
N LYS D 30 -10.98 7.08 -19.94
CA LYS D 30 -11.60 6.89 -21.26
C LYS D 30 -11.39 5.45 -21.69
N VAL D 31 -12.43 4.78 -22.19
CA VAL D 31 -12.27 3.45 -22.75
C VAL D 31 -12.83 3.31 -24.18
N TRP D 32 -11.96 2.92 -25.09
CA TRP D 32 -12.34 2.77 -26.48
C TRP D 32 -11.58 1.71 -27.19
N GLY D 33 -12.14 1.36 -28.36
CA GLY D 33 -11.64 0.34 -29.23
C GLY D 33 -12.79 -0.31 -29.95
N SER D 34 -12.62 -1.59 -30.30
CA SER D 34 -13.44 -2.24 -31.31
C SER D 34 -13.59 -3.71 -30.99
N ILE D 35 -14.80 -4.25 -31.05
CA ILE D 35 -14.98 -5.67 -30.88
C ILE D 35 -15.73 -6.24 -32.07
N LYS D 36 -15.30 -7.41 -32.54
CA LYS D 36 -15.92 -8.05 -33.70
C LYS D 36 -16.50 -9.42 -33.41
N GLY D 37 -17.31 -9.86 -34.37
CA GLY D 37 -17.90 -11.17 -34.38
C GLY D 37 -19.03 -11.31 -33.42
N LEU D 38 -19.50 -10.17 -32.89
CA LEU D 38 -20.66 -10.11 -31.97
C LEU D 38 -22.03 -10.17 -32.67
N THR D 39 -22.98 -10.93 -32.10
CA THR D 39 -24.41 -10.85 -32.50
C THR D 39 -24.94 -9.44 -32.25
N GLU D 40 -25.61 -8.85 -33.24
CA GLU D 40 -26.13 -7.48 -33.17
C GLU D 40 -27.00 -7.19 -31.93
N GLY D 41 -26.88 -5.95 -31.45
CA GLY D 41 -27.47 -5.60 -30.18
C GLY D 41 -26.45 -5.34 -29.08
N LEU D 42 -26.92 -5.59 -27.86
CA LEU D 42 -26.36 -5.00 -26.67
C LEU D 42 -25.71 -6.11 -25.85
N HIS D 43 -24.46 -5.89 -25.45
CA HIS D 43 -23.77 -6.91 -24.62
C HIS D 43 -23.21 -6.33 -23.38
N GLY D 44 -23.60 -6.90 -22.23
CA GLY D 44 -22.90 -6.66 -20.96
C GLY D 44 -21.36 -6.58 -21.11
N PHE D 45 -20.78 -5.56 -20.51
CA PHE D 45 -19.37 -5.25 -20.60
C PHE D 45 -18.90 -5.06 -19.17
N HIS D 46 -18.06 -5.95 -18.66
CA HIS D 46 -17.70 -5.89 -17.22
C HIS D 46 -16.27 -6.18 -16.97
N VAL D 47 -15.73 -5.55 -15.91
CA VAL D 47 -14.41 -5.87 -15.39
C VAL D 47 -14.68 -6.85 -14.27
N HIS D 48 -14.07 -8.01 -14.37
CA HIS D 48 -14.19 -9.07 -13.38
C HIS D 48 -12.97 -9.12 -12.48
N GLU D 49 -13.07 -9.84 -11.37
CA GLU D 49 -12.10 -9.67 -10.31
C GLU D 49 -10.70 -10.28 -10.54
N PHE D 50 -10.58 -11.41 -11.20
CA PHE D 50 -9.25 -12.03 -11.30
C PHE D 50 -8.76 -12.03 -12.73
N GLY D 51 -7.47 -11.70 -12.91
CA GLY D 51 -6.82 -11.80 -14.21
C GLY D 51 -6.41 -13.21 -14.53
N ASP D 52 -7.31 -14.15 -14.38
CA ASP D 52 -6.99 -15.58 -14.39
C ASP D 52 -7.73 -16.26 -15.53
N ASN D 53 -7.00 -16.70 -16.55
CA ASN D 53 -7.60 -17.34 -17.71
C ASN D 53 -7.34 -18.87 -17.84
N THR D 54 -6.90 -19.49 -16.76
CA THR D 54 -6.58 -20.91 -16.79
C THR D 54 -7.74 -21.73 -17.35
N ALA D 55 -8.92 -21.65 -16.73
CA ALA D 55 -10.15 -22.24 -17.26
C ALA D 55 -10.95 -21.32 -18.16
N GLY D 56 -10.30 -20.53 -19.01
CA GLY D 56 -11.00 -19.62 -19.94
C GLY D 56 -11.66 -18.47 -19.18
N CYS D 57 -12.70 -17.87 -19.76
CA CYS D 57 -13.33 -16.72 -19.09
C CYS D 57 -13.95 -17.03 -17.71
N THR D 58 -14.29 -18.29 -17.46
CA THR D 58 -14.93 -18.69 -16.18
C THR D 58 -14.04 -18.39 -14.99
N SER D 59 -12.74 -18.61 -15.14
CA SER D 59 -11.81 -18.46 -14.01
C SER D 59 -11.60 -16.99 -13.60
N ALA D 60 -12.28 -16.07 -14.31
CA ALA D 60 -12.17 -14.66 -13.96
C ALA D 60 -12.99 -14.28 -12.74
N GLY D 61 -13.81 -15.17 -12.17
CA GLY D 61 -14.58 -14.78 -10.92
C GLY D 61 -15.75 -13.82 -11.16
N PRO D 62 -16.29 -13.18 -10.11
CA PRO D 62 -17.44 -12.28 -10.25
C PRO D 62 -17.05 -10.84 -10.65
N HIS D 63 -18.03 -9.94 -10.79
CA HIS D 63 -17.78 -8.52 -11.03
C HIS D 63 -16.83 -7.92 -10.02
N PHE D 64 -15.94 -7.07 -10.49
CA PHE D 64 -14.96 -6.54 -9.59
C PHE D 64 -15.67 -5.56 -8.64
N ASN D 65 -15.56 -5.84 -7.34
CA ASN D 65 -16.27 -5.09 -6.29
C ASN D 65 -15.47 -4.96 -4.99
N PRO D 66 -14.43 -4.09 -4.96
CA PRO D 66 -13.43 -4.05 -3.85
C PRO D 66 -13.92 -3.74 -2.39
N HIS D 80 -21.67 -0.90 -8.58
CA HIS D 80 -20.79 -1.98 -9.07
C HIS D 80 -19.58 -1.39 -9.78
N VAL D 81 -18.38 -1.57 -9.24
CA VAL D 81 -17.18 -1.00 -9.88
C VAL D 81 -16.73 -1.68 -11.21
N GLY D 82 -17.10 -2.95 -11.40
CA GLY D 82 -16.87 -3.65 -12.66
C GLY D 82 -17.77 -3.26 -13.83
N ASP D 83 -18.94 -2.73 -13.50
CA ASP D 83 -20.00 -2.43 -14.48
C ASP D 83 -19.70 -1.23 -15.40
N LEU D 84 -19.44 -1.49 -16.68
CA LEU D 84 -19.21 -0.41 -17.64
C LEU D 84 -20.35 -0.28 -18.61
N GLY D 85 -21.49 -0.86 -18.24
CA GLY D 85 -22.66 -0.81 -19.09
C GLY D 85 -22.69 -1.92 -20.11
N ASN D 86 -23.03 -1.58 -21.34
CA ASN D 86 -23.05 -2.53 -22.42
C ASN D 86 -22.17 -1.98 -23.53
N VAL D 87 -21.84 -2.83 -24.50
CA VAL D 87 -21.36 -2.35 -25.80
C VAL D 87 -22.42 -2.74 -26.84
N THR D 88 -22.42 -2.05 -27.96
CA THR D 88 -23.41 -2.28 -28.98
C THR D 88 -22.79 -2.74 -30.27
N ALA D 89 -23.12 -3.96 -30.66
CA ALA D 89 -22.80 -4.49 -31.98
C ALA D 89 -23.86 -4.02 -32.97
N ASP D 90 -23.41 -3.42 -34.07
CA ASP D 90 -24.24 -3.09 -35.26
C ASP D 90 -24.65 -4.38 -36.02
N LYS D 91 -25.07 -4.25 -37.28
CA LYS D 91 -25.56 -5.41 -38.08
C LYS D 91 -24.46 -6.38 -38.56
N ASP D 92 -23.26 -5.88 -38.82
CA ASP D 92 -22.12 -6.74 -39.13
C ASP D 92 -21.50 -7.46 -37.93
N GLY D 93 -21.96 -7.16 -36.70
CA GLY D 93 -21.37 -7.73 -35.50
C GLY D 93 -20.17 -6.95 -34.97
N VAL D 94 -20.02 -5.69 -35.43
CA VAL D 94 -19.01 -4.74 -34.96
C VAL D 94 -19.54 -3.70 -33.96
N ALA D 95 -18.78 -3.51 -32.88
CA ALA D 95 -19.07 -2.52 -31.86
C ALA D 95 -17.85 -1.61 -31.81
N ASP D 96 -18.04 -0.33 -32.11
CA ASP D 96 -17.07 0.69 -31.78
C ASP D 96 -17.36 0.99 -30.35
N VAL D 97 -16.34 0.93 -29.50
CA VAL D 97 -16.57 1.19 -28.12
C VAL D 97 -16.01 2.56 -27.81
N SER D 98 -16.83 3.41 -27.21
CA SER D 98 -16.37 4.68 -26.61
C SER D 98 -17.13 4.81 -25.30
N ILE D 99 -16.39 4.87 -24.19
CA ILE D 99 -16.94 4.97 -22.83
C ILE D 99 -16.08 5.91 -21.99
N GLU D 100 -16.68 6.82 -21.23
CA GLU D 100 -15.98 7.54 -20.16
C GLU D 100 -16.47 7.02 -18.82
N ASP D 101 -15.58 6.60 -17.94
CA ASP D 101 -16.00 6.13 -16.62
C ASP D 101 -15.10 6.73 -15.55
N SER D 102 -15.64 6.92 -14.35
CA SER D 102 -14.87 7.59 -13.29
C SER D 102 -14.92 6.87 -11.97
N VAL D 103 -15.57 5.71 -11.97
CA VAL D 103 -15.59 4.74 -10.88
C VAL D 103 -14.34 3.79 -10.97
N ILE D 104 -14.07 3.26 -12.17
CA ILE D 104 -12.87 2.46 -12.34
C ILE D 104 -11.66 3.40 -12.25
N SER D 105 -10.52 2.86 -11.88
CA SER D 105 -9.32 3.63 -11.93
C SER D 105 -8.17 2.74 -12.43
N LEU D 106 -7.08 3.38 -12.79
CA LEU D 106 -5.90 2.68 -13.23
C LEU D 106 -4.82 2.72 -12.18
N SER D 107 -5.22 2.97 -10.92
CA SER D 107 -4.41 2.80 -9.71
C SER D 107 -5.31 2.99 -8.49
N GLY D 108 -4.70 2.83 -7.31
CA GLY D 108 -5.39 2.96 -6.05
C GLY D 108 -6.33 1.81 -5.79
N ASP D 109 -7.33 2.05 -4.96
CA ASP D 109 -8.29 1.06 -4.51
C ASP D 109 -9.11 0.48 -5.66
N HIS D 110 -9.32 1.29 -6.69
CA HIS D 110 -10.23 0.88 -7.75
C HIS D 110 -9.51 0.43 -8.98
N CYS D 111 -8.24 0.04 -8.79
CA CYS D 111 -7.34 -0.36 -9.87
C CYS D 111 -7.79 -1.59 -10.60
N ILE D 112 -7.81 -1.51 -11.91
CA ILE D 112 -8.33 -2.59 -12.71
C ILE D 112 -7.24 -3.34 -13.48
N ILE D 113 -6.02 -2.80 -13.48
CA ILE D 113 -4.88 -3.48 -14.08
C ILE D 113 -4.63 -4.81 -13.42
N GLY D 114 -4.47 -5.85 -14.25
CA GLY D 114 -4.27 -7.18 -13.74
C GLY D 114 -5.58 -7.93 -13.53
N ARG D 115 -6.73 -7.30 -13.83
CA ARG D 115 -8.02 -7.97 -13.81
C ARG D 115 -8.50 -8.30 -15.22
N THR D 116 -9.72 -8.85 -15.31
CA THR D 116 -10.24 -9.35 -16.60
C THR D 116 -11.41 -8.53 -17.11
N LEU D 117 -11.30 -8.06 -18.34
CA LEU D 117 -12.42 -7.45 -19.04
C LEU D 117 -13.27 -8.48 -19.78
N VAL D 118 -14.58 -8.49 -19.56
CA VAL D 118 -15.43 -9.51 -20.17
C VAL D 118 -16.55 -8.85 -20.98
N VAL D 119 -16.73 -9.33 -22.22
CA VAL D 119 -17.94 -8.97 -22.97
C VAL D 119 -18.90 -10.16 -22.89
N HIS D 120 -20.13 -9.91 -22.46
CA HIS D 120 -21.11 -11.01 -22.24
C HIS D 120 -22.09 -11.15 -23.35
N GLU D 121 -22.86 -12.23 -23.29
CA GLU D 121 -23.83 -12.61 -24.31
C GLU D 121 -25.03 -11.66 -24.39
N LYS D 122 -25.74 -11.53 -23.28
CA LYS D 122 -26.91 -10.67 -23.15
C LYS D 122 -26.53 -9.29 -22.62
N ALA D 123 -27.41 -8.32 -22.83
CA ALA D 123 -27.27 -7.01 -22.20
C ALA D 123 -27.35 -7.18 -20.68
N ASP D 124 -26.85 -6.20 -19.92
CA ASP D 124 -27.21 -6.09 -18.50
C ASP D 124 -28.66 -5.61 -18.45
N SER D 142 -23.67 -16.22 -20.32
CA SER D 142 -22.45 -16.79 -21.01
C SER D 142 -21.37 -15.74 -21.41
N ARG D 143 -20.14 -15.98 -21.00
CA ARG D 143 -19.04 -15.02 -21.20
C ARG D 143 -18.44 -15.23 -22.60
N LEU D 144 -18.45 -14.24 -23.48
CA LEU D 144 -18.11 -14.54 -24.90
C LEU D 144 -16.64 -14.45 -25.25
N ALA D 145 -16.00 -13.42 -24.71
CA ALA D 145 -14.59 -13.24 -24.84
C ALA D 145 -14.12 -12.48 -23.61
N CYS D 146 -12.83 -12.59 -23.30
CA CYS D 146 -12.22 -11.87 -22.18
C CYS D 146 -10.73 -11.68 -22.45
N GLY D 147 -10.09 -10.74 -21.76
CA GLY D 147 -8.63 -10.67 -21.73
C GLY D 147 -8.21 -10.09 -20.40
N VAL D 148 -6.94 -10.25 -20.02
CA VAL D 148 -6.39 -9.60 -18.82
C VAL D 148 -6.00 -8.14 -19.14
N ILE D 149 -6.29 -7.20 -18.21
CA ILE D 149 -5.96 -5.83 -18.42
C ILE D 149 -4.49 -5.56 -18.15
N GLY D 150 -3.77 -5.05 -19.16
CA GLY D 150 -2.33 -4.85 -19.02
C GLY D 150 -1.83 -3.43 -19.17
N ILE D 151 -0.65 -3.14 -18.62
CA ILE D 151 0.02 -1.84 -18.73
C ILE D 151 0.43 -1.64 -20.17
N ALA D 152 -0.08 -0.58 -20.80
CA ALA D 152 0.21 -0.31 -22.21
C ALA D 152 1.31 0.72 -22.30
N GLN D 153 2.03 0.75 -23.42
CA GLN D 153 3.14 1.68 -23.65
C GLN D 153 2.71 3.14 -23.49
PT1 CPT E . -2.14 2.72 6.33
PT1 CPT E . 1.36 0.05 7.38
N1 CPT E . -3.12 1.14 7.14
N1 CPT E . 0.96 -1.18 8.94
N2 CPT E . -0.42 2.18 7.26
N2 CPT E . -0.37 1.05 7.78
CL2 CPT E . -0.94 4.58 5.41
CL2 CPT E . 1.88 1.46 5.49
PT1 CPT F . 0.80 -11.05 7.99
N1 CPT F . 2.15 -12.31 7.14
N2 CPT F . -0.56 -11.35 6.47
CL2 CPT F . -0.78 -9.54 9.05
PT1 CPT G . 1.48 -3.45 -9.69
PT1 CPT G . -2.81 -1.49 -9.93
N1 CPT G . 2.60 -2.81 -11.27
N1 CPT G . -1.49 -0.12 -10.66
N2 CPT G . 0.26 -1.82 -9.89
N2 CPT G . -1.41 -2.07 -8.56
CL2 CPT G . 0.19 -4.25 -7.84
CL2 CPT G . -4.36 -3.13 -9.02
#